data_7B7R
#
_entry.id   7B7R
#
_cell.length_a   57.640
_cell.length_b   71.650
_cell.length_c   157.810
_cell.angle_alpha   90.000
_cell.angle_beta   90.000
_cell.angle_gamma   90.000
#
_symmetry.space_group_name_H-M   'P 21 21 21'
#
loop_
_entity.id
_entity.type
_entity.pdbx_description
1 polymer 'Dual specificity mitogen-activated protein kinase kinase 1,Dual specificity mitogen-activated protein kinase kinase 1'
2 non-polymer 'PHOSPHOAMINOPHOSPHONIC ACID-ADENYLATE ESTER'
3 non-polymer 'MAGNESIUM ION'
4 non-polymer 2-[5-[ethyl(methyl)amino]imidazo[1,2-a]pyrimidin-7-yl]phenol
5 non-polymer 'SULFATE ION'
6 non-polymer 'PHOSPHATE ION'
7 water water
#
_entity_poly.entity_id   1
_entity_poly.type   'polypeptide(L)'
_entity_poly.pdbx_seq_one_letter_code
;MAHHHHHHAAAENLYFQLEELELDEQQRKRLEAFLTQKQKVGELKDDDFEKISELGAGNGGVVFKVSHKPSGLVMARKLI
HLEIKPAIRNQIIRELQVLHECNSPYIVGFYGAFYSDGEISICMEHMDGGSLDQVLKKAGRIPEQILGKVSIAVIKGLTY
LREKHKIMHRDVKPSNILVNSRGEIKLCDFGVSGQLIDSMANSFVGTRSYMSPERLQGTHYSVQSDIWSMGLSLVEMAVG
RYPIGSGSGSMAIFELLDYIVNEPPPKLPSGVFSLEFQDFVNKCLIKNPAERADLKQLMVHAFIKRSDAEEVDFAGWLCS
TIGLNQ
;
_entity_poly.pdbx_strand_id   A,B
#
# COMPACT_ATOMS: atom_id res chain seq x y z
N LEU A 14 3.39 39.82 -14.92
CA LEU A 14 4.11 38.55 -15.12
C LEU A 14 4.65 38.42 -16.53
N TYR A 15 5.90 37.97 -16.64
CA TYR A 15 6.57 37.85 -17.91
C TYR A 15 6.51 36.38 -18.35
N PHE A 16 5.37 36.00 -18.93
CA PHE A 16 5.12 34.62 -19.35
C PHE A 16 6.07 34.20 -20.46
N GLN A 17 6.63 32.99 -20.32
CA GLN A 17 7.55 32.45 -21.33
C GLN A 17 6.99 31.11 -21.72
N LEU A 18 5.74 31.12 -22.25
CA LEU A 18 4.99 29.91 -22.61
C LEU A 18 4.86 29.66 -24.13
N GLU A 19 5.64 30.40 -24.96
CA GLU A 19 5.63 30.26 -26.43
C GLU A 19 5.85 28.83 -26.94
N GLU A 20 6.67 28.03 -26.23
CA GLU A 20 6.99 26.65 -26.59
C GLU A 20 5.80 25.70 -26.53
N LEU A 21 4.75 26.04 -25.75
CA LEU A 21 3.56 25.20 -25.57
C LEU A 21 2.58 25.22 -26.75
N GLU A 22 2.61 26.27 -27.59
CA GLU A 22 1.72 26.42 -28.76
C GLU A 22 0.25 26.31 -28.32
N LEU A 23 -0.09 27.07 -27.27
CA LEU A 23 -1.40 27.10 -26.63
C LEU A 23 -2.45 27.79 -27.47
N ASP A 24 -3.73 27.30 -27.39
CA ASP A 24 -4.86 27.98 -28.02
C ASP A 24 -5.25 29.13 -27.06
N GLU A 25 -6.14 30.06 -27.45
CA GLU A 25 -6.47 31.19 -26.57
C GLU A 25 -7.10 30.79 -25.23
N GLN A 26 -8.04 29.83 -25.23
CA GLN A 26 -8.70 29.35 -24.01
C GLN A 26 -7.66 28.69 -23.06
N GLN A 27 -6.76 27.87 -23.63
CA GLN A 27 -5.72 27.18 -22.85
C GLN A 27 -4.72 28.19 -22.26
N ARG A 28 -4.34 29.18 -23.07
CA ARG A 28 -3.44 30.25 -22.64
C ARG A 28 -4.05 31.03 -21.48
N LYS A 29 -5.35 31.39 -21.59
CA LYS A 29 -6.01 32.13 -20.52
C LYS A 29 -6.05 31.30 -19.22
N ARG A 30 -6.38 30.01 -19.32
CA ARG A 30 -6.44 29.15 -18.15
C ARG A 30 -5.06 28.96 -17.48
N LEU A 31 -4.02 28.75 -18.27
CA LEU A 31 -2.69 28.50 -17.72
C LEU A 31 -2.12 29.76 -17.09
N GLU A 32 -2.31 30.91 -17.74
CA GLU A 32 -1.86 32.16 -17.17
C GLU A 32 -2.63 32.48 -15.89
N ALA A 33 -3.93 32.11 -15.82
CA ALA A 33 -4.72 32.35 -14.60
C ALA A 33 -4.21 31.49 -13.44
N PHE A 34 -3.88 30.20 -13.70
CA PHE A 34 -3.34 29.33 -12.64
C PHE A 34 -2.00 29.90 -12.16
N LEU A 35 -1.11 30.22 -13.09
CA LEU A 35 0.22 30.73 -12.71
C LEU A 35 0.14 32.04 -11.97
N THR A 36 -0.86 32.89 -12.30
CA THR A 36 -1.08 34.16 -11.59
C THR A 36 -1.52 33.90 -10.15
N GLN A 37 -2.47 32.95 -9.94
CA GLN A 37 -2.91 32.57 -8.59
C GLN A 37 -1.72 32.03 -7.79
N LYS A 38 -0.87 31.22 -8.44
CA LYS A 38 0.31 30.61 -7.82
C LYS A 38 1.28 31.63 -7.26
N GLN A 39 1.27 32.87 -7.80
CA GLN A 39 2.17 33.92 -7.34
C GLN A 39 1.84 34.38 -5.89
N LYS A 40 0.65 34.00 -5.40
CA LYS A 40 0.26 34.32 -4.03
C LYS A 40 0.90 33.32 -3.04
N VAL A 41 1.51 32.24 -3.57
CA VAL A 41 2.02 31.13 -2.77
C VAL A 41 3.54 31.10 -2.77
N GLY A 42 4.12 31.15 -1.58
CA GLY A 42 5.55 31.03 -1.37
C GLY A 42 5.83 29.72 -0.68
N GLU A 43 6.64 29.75 0.37
CA GLU A 43 7.01 28.56 1.14
C GLU A 43 5.78 27.97 1.79
N LEU A 44 5.63 26.66 1.66
CA LEU A 44 4.48 25.94 2.24
C LEU A 44 4.87 25.33 3.57
N LYS A 45 4.02 25.48 4.60
CA LYS A 45 4.31 24.93 5.93
C LYS A 45 3.05 24.29 6.43
N ASP A 46 3.16 23.28 7.29
CA ASP A 46 2.01 22.55 7.82
C ASP A 46 1.00 23.46 8.55
N ASP A 47 1.49 24.40 9.37
CA ASP A 47 0.64 25.30 10.14
C ASP A 47 -0.21 26.27 9.28
N ASP A 48 0.14 26.46 7.99
CA ASP A 48 -0.57 27.37 7.11
C ASP A 48 -1.80 26.73 6.40
N PHE A 49 -2.07 25.45 6.70
CA PHE A 49 -3.21 24.76 6.11
C PHE A 49 -4.32 24.47 7.11
N GLU A 50 -5.53 24.49 6.60
CA GLU A 50 -6.73 24.07 7.33
C GLU A 50 -7.41 23.01 6.47
N LYS A 51 -7.65 21.82 7.04
CA LYS A 51 -8.28 20.72 6.30
C LYS A 51 -9.77 21.00 6.08
N ILE A 52 -10.25 20.87 4.83
CA ILE A 52 -11.66 21.09 4.51
C ILE A 52 -12.35 19.71 4.50
N SER A 53 -11.83 18.78 3.70
CA SER A 53 -12.42 17.46 3.59
C SER A 53 -11.43 16.51 2.98
N GLU A 54 -11.74 15.21 2.95
CA GLU A 54 -10.85 14.26 2.30
C GLU A 54 -11.36 14.01 0.88
N LEU A 55 -10.49 14.21 -0.12
CA LEU A 55 -10.81 14.00 -1.54
C LEU A 55 -10.77 12.52 -1.86
N GLY A 56 -9.82 11.82 -1.26
CA GLY A 56 -9.72 10.39 -1.46
C GLY A 56 -8.40 9.85 -0.98
N ALA A 57 -8.18 8.57 -1.17
CA ALA A 57 -6.95 7.97 -0.71
C ALA A 57 -6.61 6.77 -1.59
N GLY A 58 -5.34 6.46 -1.65
CA GLY A 58 -4.84 5.33 -2.42
C GLY A 58 -3.94 4.50 -1.55
N ASN A 59 -3.12 3.68 -2.17
CA ASN A 59 -2.19 2.80 -1.47
C ASN A 59 -1.05 3.55 -0.80
N GLY A 60 -0.51 4.56 -1.49
CA GLY A 60 0.63 5.32 -0.98
C GLY A 60 0.30 6.55 -0.17
N GLY A 61 -0.85 7.19 -0.40
CA GLY A 61 -1.17 8.43 0.30
C GLY A 61 -2.63 8.75 0.49
N VAL A 62 -2.88 9.95 1.05
CA VAL A 62 -4.23 10.47 1.29
C VAL A 62 -4.25 11.86 0.70
N VAL A 63 -5.37 12.25 0.08
CA VAL A 63 -5.46 13.59 -0.52
C VAL A 63 -6.58 14.36 0.17
N PHE A 64 -6.26 15.52 0.71
CA PHE A 64 -7.24 16.38 1.37
C PHE A 64 -7.49 17.61 0.55
N LYS A 65 -8.73 18.10 0.60
CA LYS A 65 -9.06 19.41 0.04
C LYS A 65 -8.74 20.35 1.24
N VAL A 66 -7.86 21.33 1.05
CA VAL A 66 -7.39 22.19 2.13
C VAL A 66 -7.50 23.67 1.74
N SER A 67 -7.52 24.54 2.76
CA SER A 67 -7.44 25.97 2.55
C SER A 67 -6.01 26.38 2.94
N HIS A 68 -5.30 27.06 2.03
CA HIS A 68 -3.98 27.60 2.37
C HIS A 68 -4.26 28.99 2.90
N LYS A 69 -4.16 29.13 4.22
CA LYS A 69 -4.52 30.37 4.93
C LYS A 69 -3.80 31.62 4.42
N PRO A 70 -2.47 31.63 4.18
CA PRO A 70 -1.84 32.88 3.70
C PRO A 70 -2.33 33.41 2.36
N SER A 71 -2.63 32.51 1.39
CA SER A 71 -3.04 32.89 0.03
C SER A 71 -4.55 32.90 -0.17
N GLY A 72 -5.28 32.21 0.70
CA GLY A 72 -6.72 32.03 0.60
C GLY A 72 -7.12 31.02 -0.45
N LEU A 73 -6.14 30.34 -1.06
CA LEU A 73 -6.42 29.39 -2.12
C LEU A 73 -6.86 28.05 -1.57
N VAL A 74 -7.77 27.38 -2.29
CA VAL A 74 -8.14 26.01 -1.96
C VAL A 74 -7.19 25.12 -2.78
N MET A 75 -6.62 24.08 -2.17
CA MET A 75 -5.70 23.22 -2.88
C MET A 75 -6.06 21.77 -2.57
N ALA A 76 -5.45 20.86 -3.29
CA ALA A 76 -5.51 19.43 -2.99
C ALA A 76 -4.10 19.11 -2.42
N ARG A 77 -4.06 18.62 -1.21
CA ARG A 77 -2.78 18.31 -0.56
C ARG A 77 -2.68 16.80 -0.45
N LYS A 78 -1.73 16.22 -1.17
CA LYS A 78 -1.48 14.77 -1.06
C LYS A 78 -0.41 14.55 0.01
N LEU A 79 -0.70 13.69 1.02
CA LEU A 79 0.26 13.38 2.07
C LEU A 79 0.71 11.95 1.93
N ILE A 80 2.03 11.77 1.85
CA ILE A 80 2.64 10.44 1.68
C ILE A 80 3.49 10.21 2.92
N HIS A 81 3.15 9.16 3.69
CA HIS A 81 3.92 8.91 4.90
C HIS A 81 5.24 8.28 4.55
N LEU A 82 6.32 8.97 4.95
CA LEU A 82 7.68 8.51 4.75
C LEU A 82 8.51 9.04 5.89
N GLU A 83 8.92 8.14 6.76
CA GLU A 83 9.78 8.52 7.87
C GLU A 83 11.09 7.78 7.66
N ILE A 84 11.99 8.36 6.83
CA ILE A 84 13.28 7.78 6.43
C ILE A 84 14.44 8.68 6.76
N LYS A 85 15.67 8.29 6.37
CA LYS A 85 16.88 9.08 6.65
C LYS A 85 16.61 10.52 6.18
N PRO A 86 16.74 11.52 7.08
CA PRO A 86 16.44 12.91 6.67
C PRO A 86 17.11 13.37 5.36
N ALA A 87 18.37 12.93 5.11
CA ALA A 87 19.04 13.33 3.86
C ALA A 87 18.37 12.78 2.58
N ILE A 88 17.79 11.55 2.63
CA ILE A 88 17.16 10.94 1.45
C ILE A 88 15.74 11.52 1.25
N ARG A 89 15.07 11.87 2.36
CA ARG A 89 13.77 12.52 2.22
C ARG A 89 13.99 13.94 1.71
N ASN A 90 15.10 14.58 2.08
CA ASN A 90 15.38 15.92 1.56
C ASN A 90 15.69 15.88 0.06
N GLN A 91 16.29 14.78 -0.43
CA GLN A 91 16.53 14.56 -1.87
C GLN A 91 15.20 14.43 -2.61
N ILE A 92 14.23 13.70 -2.01
CA ILE A 92 12.90 13.58 -2.62
C ILE A 92 12.30 14.98 -2.74
N ILE A 93 12.30 15.77 -1.66
CA ILE A 93 11.72 17.13 -1.69
C ILE A 93 12.40 17.96 -2.78
N ARG A 94 13.75 17.86 -2.89
CA ARG A 94 14.48 18.60 -3.94
C ARG A 94 14.01 18.15 -5.34
N GLU A 95 13.88 16.84 -5.57
CA GLU A 95 13.44 16.34 -6.86
C GLU A 95 12.00 16.75 -7.24
N LEU A 96 11.13 16.84 -6.21
CA LEU A 96 9.74 17.28 -6.41
C LEU A 96 9.65 18.75 -6.83
N GLN A 97 10.68 19.58 -6.53
CA GLN A 97 10.68 20.99 -6.93
C GLN A 97 10.67 21.16 -8.42
N VAL A 98 11.10 20.13 -9.18
CA VAL A 98 11.01 20.15 -10.65
C VAL A 98 9.55 20.36 -11.10
N LEU A 99 8.57 19.96 -10.26
CA LEU A 99 7.17 20.20 -10.61
C LEU A 99 6.87 21.70 -10.86
N HIS A 100 7.68 22.63 -10.28
CA HIS A 100 7.50 24.06 -10.54
C HIS A 100 7.72 24.43 -12.01
N GLU A 101 8.42 23.57 -12.78
CA GLU A 101 8.68 23.75 -14.23
C GLU A 101 7.70 22.99 -15.13
N CYS A 102 6.75 22.21 -14.55
CA CYS A 102 5.82 21.39 -15.33
C CYS A 102 4.50 22.09 -15.64
N ASN A 103 4.51 23.12 -16.49
CA ASN A 103 3.34 23.90 -16.87
C ASN A 103 2.81 23.45 -18.24
N SER A 104 1.64 22.82 -18.22
CA SER A 104 0.99 22.29 -19.42
C SER A 104 -0.52 22.26 -19.18
N PRO A 105 -1.35 22.49 -20.21
CA PRO A 105 -2.81 22.34 -19.98
C PRO A 105 -3.22 20.92 -19.57
N TYR A 106 -2.33 19.90 -19.80
CA TYR A 106 -2.66 18.48 -19.58
C TYR A 106 -2.07 17.90 -18.30
N ILE A 107 -1.47 18.77 -17.49
CA ILE A 107 -0.79 18.37 -16.25
C ILE A 107 -1.35 19.20 -15.10
N VAL A 108 -1.71 18.52 -14.00
CA VAL A 108 -2.29 19.23 -12.86
C VAL A 108 -1.33 20.34 -12.37
N GLY A 109 -1.90 21.50 -12.04
CA GLY A 109 -1.12 22.61 -11.50
C GLY A 109 -0.46 22.23 -10.19
N PHE A 110 0.72 22.78 -9.95
CA PHE A 110 1.46 22.45 -8.75
C PHE A 110 1.77 23.73 -7.96
N TYR A 111 1.54 23.71 -6.65
CA TYR A 111 1.88 24.84 -5.75
C TYR A 111 3.16 24.68 -4.98
N GLY A 112 3.49 23.44 -4.60
CA GLY A 112 4.72 23.21 -3.84
C GLY A 112 4.75 21.86 -3.15
N ALA A 113 5.92 21.51 -2.62
CA ALA A 113 6.04 20.23 -1.93
C ALA A 113 6.99 20.47 -0.79
N PHE A 114 6.71 19.81 0.34
CA PHE A 114 7.51 19.99 1.54
C PHE A 114 7.34 18.79 2.45
N TYR A 115 8.20 18.69 3.47
CA TYR A 115 8.11 17.62 4.44
C TYR A 115 7.76 18.18 5.80
N SER A 116 6.91 17.46 6.55
CA SER A 116 6.54 17.82 7.92
C SER A 116 6.08 16.60 8.68
N ASP A 117 6.65 16.41 9.87
CA ASP A 117 6.37 15.35 10.83
C ASP A 117 5.97 13.99 10.18
N GLY A 118 6.92 13.39 9.48
CA GLY A 118 6.77 12.08 8.89
C GLY A 118 6.02 12.02 7.58
N GLU A 119 5.62 13.18 7.02
CA GLU A 119 4.83 13.13 5.80
C GLU A 119 5.37 14.06 4.73
N ILE A 120 5.44 13.57 3.50
CA ILE A 120 5.73 14.45 2.37
C ILE A 120 4.39 14.95 1.84
N SER A 121 4.28 16.28 1.67
CA SER A 121 3.08 16.89 1.10
C SER A 121 3.36 17.36 -0.30
N ILE A 122 2.46 17.04 -1.22
CA ILE A 122 2.50 17.50 -2.60
C ILE A 122 1.22 18.33 -2.76
N CYS A 123 1.35 19.66 -2.96
CA CYS A 123 0.19 20.54 -3.02
C CYS A 123 -0.11 20.91 -4.46
N MET A 124 -1.34 20.61 -4.87
CA MET A 124 -1.77 20.74 -6.25
C MET A 124 -2.97 21.62 -6.39
N GLU A 125 -3.22 21.99 -7.66
CA GLU A 125 -4.44 22.64 -8.08
C GLU A 125 -5.58 21.68 -7.69
N HIS A 126 -6.62 22.22 -7.05
CA HIS A 126 -7.79 21.40 -6.73
C HIS A 126 -8.62 21.26 -8.01
N MET A 127 -8.89 20.03 -8.41
CA MET A 127 -9.70 19.74 -9.61
C MET A 127 -11.09 19.36 -9.12
N ASP A 128 -12.07 20.24 -9.32
CA ASP A 128 -13.38 20.05 -8.73
C ASP A 128 -14.20 18.87 -9.31
N GLY A 129 -13.75 18.25 -10.40
CA GLY A 129 -14.45 17.09 -10.93
C GLY A 129 -13.87 15.78 -10.41
N GLY A 130 -12.82 15.88 -9.62
CA GLY A 130 -12.15 14.69 -9.12
C GLY A 130 -11.48 13.92 -10.23
N SER A 131 -11.36 12.59 -10.04
CA SER A 131 -10.71 11.80 -11.07
C SER A 131 -11.75 11.02 -11.88
N LEU A 132 -11.31 10.46 -13.01
CA LEU A 132 -12.25 9.67 -13.84
C LEU A 132 -12.69 8.39 -13.14
N ASP A 133 -11.91 7.89 -12.18
CA ASP A 133 -12.31 6.74 -11.37
C ASP A 133 -13.57 7.15 -10.57
N GLN A 134 -13.55 8.36 -9.97
CA GLN A 134 -14.68 8.86 -9.20
C GLN A 134 -15.89 9.12 -10.11
N VAL A 135 -15.63 9.72 -11.29
CA VAL A 135 -16.68 10.01 -12.29
C VAL A 135 -17.33 8.70 -12.73
N LEU A 136 -16.50 7.67 -13.03
CA LEU A 136 -16.97 6.36 -13.52
C LEU A 136 -17.99 5.73 -12.59
N LYS A 137 -17.78 5.84 -11.26
CA LYS A 137 -18.69 5.30 -10.24
C LYS A 137 -20.10 5.87 -10.39
N LYS A 138 -20.19 7.16 -10.79
CA LYS A 138 -21.45 7.89 -10.98
C LYS A 138 -22.03 7.77 -12.39
N ALA A 139 -21.19 7.82 -13.43
CA ALA A 139 -21.66 7.72 -14.82
C ALA A 139 -22.04 6.30 -15.22
N GLY A 140 -21.40 5.30 -14.60
CA GLY A 140 -21.58 3.89 -14.95
C GLY A 140 -20.56 3.48 -15.99
N ARG A 141 -20.62 4.12 -17.16
CA ARG A 141 -19.68 3.99 -18.30
C ARG A 141 -19.52 5.40 -18.86
N ILE A 142 -18.36 5.71 -19.43
CA ILE A 142 -18.12 7.02 -20.02
C ILE A 142 -18.25 6.88 -21.54
N PRO A 143 -19.05 7.76 -22.16
CA PRO A 143 -19.28 7.69 -23.61
C PRO A 143 -18.01 7.75 -24.44
N GLU A 144 -18.01 7.03 -25.55
CA GLU A 144 -16.88 6.98 -26.45
C GLU A 144 -16.39 8.39 -26.87
N GLN A 145 -17.31 9.32 -27.24
CA GLN A 145 -16.89 10.68 -27.63
C GLN A 145 -16.13 11.40 -26.50
N ILE A 146 -16.55 11.18 -25.24
CA ILE A 146 -15.87 11.77 -24.09
C ILE A 146 -14.50 11.12 -23.96
N LEU A 147 -14.43 9.78 -24.13
CA LEU A 147 -13.15 9.09 -24.07
C LEU A 147 -12.18 9.51 -25.18
N GLY A 148 -12.72 10.02 -26.30
CA GLY A 148 -11.85 10.56 -27.34
C GLY A 148 -11.10 11.79 -26.83
N LYS A 149 -11.81 12.67 -26.13
CA LYS A 149 -11.20 13.87 -25.57
C LYS A 149 -10.23 13.50 -24.45
N VAL A 150 -10.59 12.49 -23.64
CA VAL A 150 -9.68 12.01 -22.58
C VAL A 150 -8.38 11.46 -23.20
N SER A 151 -8.52 10.65 -24.28
CA SER A 151 -7.36 10.05 -24.94
C SER A 151 -6.44 11.12 -25.47
N ILE A 152 -6.98 12.16 -26.11
CA ILE A 152 -6.16 13.28 -26.61
C ILE A 152 -5.37 13.90 -25.43
N ALA A 153 -6.07 14.21 -24.33
CA ALA A 153 -5.42 14.80 -23.16
C ALA A 153 -4.32 13.92 -22.59
N VAL A 154 -4.56 12.59 -22.47
CA VAL A 154 -3.55 11.68 -21.91
C VAL A 154 -2.33 11.62 -22.84
N ILE A 155 -2.54 11.45 -24.16
CA ILE A 155 -1.41 11.40 -25.09
C ILE A 155 -0.63 12.70 -25.04
N LYS A 156 -1.33 13.84 -25.03
CA LYS A 156 -0.66 15.15 -24.99
C LYS A 156 0.12 15.36 -23.70
N GLY A 157 -0.46 14.93 -22.57
CA GLY A 157 0.21 15.01 -21.27
C GLY A 157 1.45 14.13 -21.20
N LEU A 158 1.34 12.87 -21.70
CA LEU A 158 2.49 11.98 -21.74
C LEU A 158 3.58 12.51 -22.66
N THR A 159 3.21 13.12 -23.80
CA THR A 159 4.17 13.68 -24.77
C THR A 159 4.90 14.86 -24.11
N TYR A 160 4.14 15.74 -23.42
CA TYR A 160 4.74 16.88 -22.72
C TYR A 160 5.77 16.40 -21.68
N LEU A 161 5.38 15.44 -20.81
CA LEU A 161 6.31 14.96 -19.77
C LEU A 161 7.56 14.31 -20.38
N ARG A 162 7.37 13.54 -21.46
CA ARG A 162 8.52 12.88 -22.11
C ARG A 162 9.40 13.84 -22.88
N GLU A 163 8.82 14.73 -23.70
CA GLU A 163 9.59 15.64 -24.54
C GLU A 163 10.27 16.77 -23.79
N LYS A 164 9.55 17.40 -22.85
CA LYS A 164 10.06 18.53 -22.12
C LYS A 164 10.84 18.17 -20.87
N HIS A 165 10.49 17.07 -20.20
CA HIS A 165 11.08 16.72 -18.92
C HIS A 165 11.76 15.36 -18.86
N LYS A 166 11.69 14.61 -19.97
CA LYS A 166 12.32 13.31 -20.11
C LYS A 166 11.87 12.32 -19.06
N ILE A 167 10.59 12.38 -18.71
CA ILE A 167 10.08 11.43 -17.74
C ILE A 167 8.87 10.70 -18.25
N MET A 168 8.71 9.52 -17.69
CA MET A 168 7.59 8.66 -17.99
C MET A 168 6.61 8.82 -16.86
N HIS A 169 5.34 8.57 -17.15
CA HIS A 169 4.33 8.72 -16.12
C HIS A 169 4.47 7.66 -15.02
N ARG A 170 4.43 6.37 -15.40
CA ARG A 170 4.58 5.18 -14.53
C ARG A 170 3.33 4.81 -13.73
N ASP A 171 2.25 5.63 -13.75
CA ASP A 171 1.08 5.32 -12.94
C ASP A 171 -0.22 5.80 -13.62
N VAL A 172 -0.33 5.52 -14.94
CA VAL A 172 -1.53 5.87 -15.69
C VAL A 172 -2.66 4.94 -15.26
N LYS A 173 -3.79 5.52 -14.88
CA LYS A 173 -5.00 4.80 -14.48
C LYS A 173 -6.10 5.83 -14.28
N PRO A 174 -7.39 5.41 -14.25
CA PRO A 174 -8.45 6.41 -14.16
C PRO A 174 -8.37 7.33 -12.95
N SER A 175 -7.79 6.87 -11.82
CA SER A 175 -7.71 7.75 -10.64
C SER A 175 -6.64 8.85 -10.77
N ASN A 176 -5.77 8.73 -11.79
CA ASN A 176 -4.72 9.71 -12.06
C ASN A 176 -5.03 10.57 -13.25
N ILE A 177 -6.31 10.60 -13.69
CA ILE A 177 -6.76 11.50 -14.75
C ILE A 177 -7.81 12.36 -14.08
N LEU A 178 -7.48 13.61 -13.87
CA LEU A 178 -8.34 14.57 -13.15
C LEU A 178 -9.12 15.44 -14.09
N VAL A 179 -10.32 15.84 -13.67
CA VAL A 179 -11.15 16.66 -14.53
C VAL A 179 -11.77 17.79 -13.75
N ASN A 180 -12.26 18.82 -14.45
CA ASN A 180 -12.89 19.90 -13.73
C ASN A 180 -14.09 20.47 -14.48
N SER A 181 -14.80 21.38 -13.80
CA SER A 181 -16.03 22.01 -14.34
C SER A 181 -15.78 22.94 -15.53
N ARG A 182 -14.53 23.26 -15.84
CA ARG A 182 -14.19 24.06 -17.00
C ARG A 182 -13.90 23.11 -18.20
N GLY A 183 -14.02 21.81 -17.96
CA GLY A 183 -13.82 20.77 -18.95
C GLY A 183 -12.36 20.44 -19.20
N GLU A 184 -11.49 20.81 -18.26
CA GLU A 184 -10.06 20.48 -18.39
C GLU A 184 -9.85 19.03 -17.97
N ILE A 185 -8.84 18.38 -18.58
CA ILE A 185 -8.48 16.98 -18.31
C ILE A 185 -6.98 17.00 -18.11
N LYS A 186 -6.52 16.51 -16.96
CA LYS A 186 -5.11 16.65 -16.60
C LYS A 186 -4.60 15.42 -15.90
N LEU A 187 -3.32 15.13 -16.10
CA LEU A 187 -2.67 14.02 -15.40
C LEU A 187 -2.07 14.45 -14.07
N CYS A 188 -2.06 13.51 -13.12
CA CYS A 188 -1.36 13.68 -11.84
C CYS A 188 -0.60 12.41 -11.52
N ASP A 189 0.21 12.44 -10.44
CA ASP A 189 0.89 11.26 -9.92
C ASP A 189 1.87 10.60 -10.89
N PHE A 190 2.60 11.42 -11.65
CA PHE A 190 3.63 10.94 -12.57
C PHE A 190 4.97 10.92 -11.84
N GLY A 191 5.90 10.08 -12.31
CA GLY A 191 7.18 9.79 -11.66
C GLY A 191 8.24 10.86 -11.84
N VAL A 192 7.99 12.05 -11.29
CA VAL A 192 8.95 13.16 -11.38
C VAL A 192 10.19 12.90 -10.52
N SER A 193 10.01 12.23 -9.37
CA SER A 193 11.12 11.97 -8.45
C SER A 193 11.57 10.53 -8.47
N GLY A 194 12.76 10.30 -9.03
CA GLY A 194 13.38 8.98 -9.06
C GLY A 194 13.56 8.41 -7.67
N GLN A 195 13.97 9.26 -6.69
CA GLN A 195 14.13 8.78 -5.31
C GLN A 195 12.79 8.40 -4.63
N LEU A 196 11.68 9.13 -4.93
CA LEU A 196 10.36 8.81 -4.37
C LEU A 196 9.93 7.43 -4.89
N ILE A 197 10.17 7.16 -6.20
CA ILE A 197 9.88 5.87 -6.84
C ILE A 197 10.66 4.78 -6.04
N ASP A 198 11.97 4.99 -5.79
CA ASP A 198 12.82 4.06 -5.05
C ASP A 198 12.35 3.82 -3.61
N SER A 199 11.98 4.90 -2.89
CA SER A 199 11.54 4.83 -1.50
C SER A 199 10.15 4.20 -1.34
N MET A 200 9.32 4.25 -2.40
CA MET A 200 7.99 3.64 -2.39
C MET A 200 8.02 2.29 -3.09
N GLY A 206 -2.96 -3.64 -6.23
CA GLY A 206 -3.68 -4.46 -5.27
C GLY A 206 -4.74 -5.32 -5.93
N THR A 207 -6.02 -4.94 -5.75
CA THR A 207 -7.18 -5.65 -6.32
C THR A 207 -7.25 -5.55 -7.86
N ARG A 208 -6.64 -4.50 -8.45
CA ARG A 208 -6.60 -4.22 -9.89
C ARG A 208 -5.19 -3.74 -10.27
N SER A 209 -4.67 -4.21 -11.43
CA SER A 209 -3.37 -3.74 -11.89
C SER A 209 -3.50 -3.12 -13.28
N TYR A 210 -2.81 -1.98 -13.48
CA TYR A 210 -2.76 -1.33 -14.77
C TYR A 210 -1.34 -1.48 -15.32
N MET A 211 -0.53 -2.33 -14.68
CA MET A 211 0.85 -2.54 -15.14
C MET A 211 0.92 -3.39 -16.39
N SER A 212 1.79 -2.99 -17.32
CA SER A 212 1.98 -3.75 -18.54
C SER A 212 2.54 -5.18 -18.28
N PRO A 213 2.29 -6.14 -19.19
CA PRO A 213 2.82 -7.50 -18.98
C PRO A 213 4.33 -7.50 -18.80
N GLU A 214 5.05 -6.66 -19.59
CA GLU A 214 6.50 -6.61 -19.46
C GLU A 214 6.94 -5.99 -18.10
N ARG A 215 6.20 -4.97 -17.58
CA ARG A 215 6.55 -4.40 -16.27
C ARG A 215 6.26 -5.40 -15.14
N LEU A 216 5.21 -6.21 -15.30
CA LEU A 216 4.90 -7.26 -14.31
C LEU A 216 5.96 -8.32 -14.25
N GLN A 217 6.57 -8.60 -15.39
CA GLN A 217 7.60 -9.62 -15.51
C GLN A 217 9.01 -9.18 -15.16
N GLY A 218 9.29 -7.87 -15.17
CA GLY A 218 10.62 -7.34 -14.85
C GLY A 218 11.10 -6.12 -15.61
N THR A 219 11.02 -6.17 -16.94
CA THR A 219 11.44 -5.19 -17.96
C THR A 219 11.56 -3.72 -17.49
N HIS A 220 12.66 -3.03 -17.91
CA HIS A 220 12.89 -1.61 -17.63
C HIS A 220 11.73 -0.76 -18.13
N TYR A 221 11.34 0.29 -17.37
CA TYR A 221 10.21 1.12 -17.73
C TYR A 221 10.37 1.84 -19.06
N SER A 222 9.33 1.79 -19.90
CA SER A 222 9.30 2.44 -21.20
C SER A 222 8.00 3.18 -21.33
N VAL A 223 7.97 4.22 -22.20
CA VAL A 223 6.76 4.98 -22.54
C VAL A 223 5.69 3.96 -22.99
N GLN A 224 6.15 2.84 -23.62
CA GLN A 224 5.26 1.79 -24.06
C GLN A 224 4.43 1.23 -22.92
N SER A 225 5.00 1.15 -21.70
CA SER A 225 4.22 0.64 -20.55
C SER A 225 3.10 1.59 -20.18
N ASP A 226 3.32 2.93 -20.36
CA ASP A 226 2.27 3.93 -20.09
C ASP A 226 1.14 3.78 -21.12
N ILE A 227 1.49 3.43 -22.37
CA ILE A 227 0.48 3.28 -23.45
C ILE A 227 -0.43 2.08 -23.13
N TRP A 228 0.16 0.97 -22.65
CA TRP A 228 -0.65 -0.17 -22.21
C TRP A 228 -1.62 0.28 -21.11
N SER A 229 -1.08 0.99 -20.11
CA SER A 229 -1.90 1.45 -18.99
C SER A 229 -3.09 2.31 -19.47
N MET A 230 -2.81 3.21 -20.42
CA MET A 230 -3.84 4.07 -21.01
C MET A 230 -4.90 3.21 -21.74
N GLY A 231 -4.44 2.26 -22.56
CA GLY A 231 -5.38 1.37 -23.25
C GLY A 231 -6.29 0.61 -22.28
N LEU A 232 -5.72 0.05 -21.21
CA LEU A 232 -6.52 -0.68 -20.25
C LEU A 232 -7.52 0.24 -19.53
N SER A 233 -7.07 1.45 -19.18
CA SER A 233 -7.91 2.45 -18.52
C SER A 233 -9.07 2.83 -19.41
N LEU A 234 -8.82 2.95 -20.72
CA LEU A 234 -9.88 3.31 -21.68
C LEU A 234 -10.92 2.20 -21.76
N VAL A 235 -10.49 0.93 -21.78
CA VAL A 235 -11.44 -0.18 -21.80
C VAL A 235 -12.29 -0.18 -20.54
N GLU A 236 -11.67 0.01 -19.36
CA GLU A 236 -12.40 0.06 -18.10
C GLU A 236 -13.45 1.16 -18.12
N MET A 237 -13.06 2.37 -18.55
CA MET A 237 -13.98 3.49 -18.54
C MET A 237 -15.08 3.31 -19.57
N ALA A 238 -14.78 2.66 -20.69
CA ALA A 238 -15.77 2.45 -21.75
C ALA A 238 -16.83 1.43 -21.34
N VAL A 239 -16.40 0.38 -20.61
CA VAL A 239 -17.23 -0.78 -20.26
C VAL A 239 -17.88 -0.65 -18.87
N GLY A 240 -17.33 0.20 -18.02
CA GLY A 240 -17.85 0.48 -16.69
C GLY A 240 -17.36 -0.47 -15.62
N ARG A 241 -16.37 -1.30 -15.95
CA ARG A 241 -15.76 -2.19 -14.97
C ARG A 241 -14.33 -2.55 -15.35
N TYR A 242 -13.52 -2.88 -14.34
CA TYR A 242 -12.15 -3.32 -14.60
C TYR A 242 -12.25 -4.54 -15.49
N PRO A 243 -11.61 -4.50 -16.68
CA PRO A 243 -11.93 -5.53 -17.69
C PRO A 243 -11.19 -6.86 -17.59
N ILE A 244 -10.43 -7.11 -16.50
CA ILE A 244 -9.73 -8.40 -16.32
C ILE A 244 -10.32 -9.16 -15.13
N MET A 251 -11.55 -12.03 -7.94
CA MET A 251 -10.37 -12.59 -8.61
C MET A 251 -9.12 -12.46 -7.73
N ALA A 252 -8.35 -13.56 -7.65
CA ALA A 252 -7.11 -13.66 -6.87
C ALA A 252 -5.97 -12.87 -7.50
N ILE A 253 -5.00 -12.43 -6.66
CA ILE A 253 -3.83 -11.65 -7.08
C ILE A 253 -2.99 -12.38 -8.15
N PHE A 254 -2.61 -13.66 -7.90
CA PHE A 254 -1.86 -14.39 -8.90
C PHE A 254 -2.69 -14.59 -10.19
N GLU A 255 -3.98 -14.91 -10.06
CA GLU A 255 -4.90 -15.16 -11.17
C GLU A 255 -4.97 -13.93 -12.11
N LEU A 256 -5.12 -12.74 -11.54
CA LEU A 256 -5.22 -11.50 -12.29
C LEU A 256 -3.92 -11.19 -13.05
N LEU A 257 -2.78 -11.28 -12.36
CA LEU A 257 -1.48 -11.01 -12.97
C LEU A 257 -1.12 -12.06 -14.02
N ASP A 258 -1.45 -13.35 -13.77
CA ASP A 258 -1.22 -14.44 -14.73
C ASP A 258 -2.03 -14.20 -16.00
N TYR A 259 -3.26 -13.66 -15.84
CA TYR A 259 -4.12 -13.34 -16.98
C TYR A 259 -3.46 -12.25 -17.82
N ILE A 260 -2.97 -11.17 -17.19
CA ILE A 260 -2.32 -10.08 -17.93
C ILE A 260 -1.07 -10.58 -18.68
N VAL A 261 -0.26 -11.36 -18.01
CA VAL A 261 1.00 -11.83 -18.61
C VAL A 261 0.79 -12.89 -19.71
N ASN A 262 -0.06 -13.88 -19.44
CA ASN A 262 -0.17 -15.09 -20.28
C ASN A 262 -1.44 -15.26 -21.09
N GLU A 263 -2.39 -14.33 -21.00
CA GLU A 263 -3.63 -14.49 -21.77
C GLU A 263 -3.81 -13.31 -22.74
N PRO A 264 -4.65 -13.46 -23.80
CA PRO A 264 -4.84 -12.34 -24.73
C PRO A 264 -5.31 -11.07 -24.03
N PRO A 265 -4.92 -9.88 -24.52
CA PRO A 265 -5.38 -8.64 -23.87
C PRO A 265 -6.90 -8.44 -23.99
N PRO A 266 -7.49 -7.64 -23.08
CA PRO A 266 -8.92 -7.35 -23.17
C PRO A 266 -9.24 -6.56 -24.46
N LYS A 267 -10.47 -6.68 -24.95
CA LYS A 267 -10.91 -5.98 -26.15
C LYS A 267 -12.22 -5.31 -25.83
N LEU A 268 -12.54 -4.25 -26.56
CA LEU A 268 -13.83 -3.58 -26.40
C LEU A 268 -14.89 -4.50 -27.03
N PRO A 269 -16.12 -4.60 -26.46
CA PRO A 269 -17.16 -5.39 -27.13
C PRO A 269 -17.52 -4.77 -28.49
N SER A 270 -17.61 -5.63 -29.52
CA SER A 270 -17.93 -5.24 -30.88
C SER A 270 -19.39 -4.75 -30.97
N GLY A 271 -19.66 -3.88 -31.94
CA GLY A 271 -21.01 -3.35 -32.18
C GLY A 271 -21.39 -2.12 -31.38
N VAL A 272 -21.04 -2.08 -30.08
CA VAL A 272 -21.36 -0.96 -29.20
C VAL A 272 -20.34 0.18 -29.37
N PHE A 273 -19.12 -0.14 -29.86
CA PHE A 273 -18.05 0.86 -30.05
C PHE A 273 -17.63 0.94 -31.48
N SER A 274 -17.19 2.14 -31.93
CA SER A 274 -16.73 2.31 -33.31
C SER A 274 -15.53 1.44 -33.59
N LEU A 275 -15.34 1.11 -34.87
CA LEU A 275 -14.17 0.36 -35.33
C LEU A 275 -12.88 1.13 -35.03
N GLU A 276 -12.91 2.49 -35.13
CA GLU A 276 -11.73 3.32 -34.84
C GLU A 276 -11.33 3.18 -33.40
N PHE A 277 -12.30 3.25 -32.47
CA PHE A 277 -11.98 3.13 -31.04
C PHE A 277 -11.48 1.73 -30.72
N GLN A 278 -12.13 0.70 -31.28
CA GLN A 278 -11.65 -0.68 -31.06
C GLN A 278 -10.18 -0.82 -31.55
N ASP A 279 -9.84 -0.27 -32.73
CA ASP A 279 -8.48 -0.38 -33.27
C ASP A 279 -7.47 0.38 -32.41
N PHE A 280 -7.89 1.55 -31.91
CA PHE A 280 -7.04 2.38 -31.06
C PHE A 280 -6.68 1.62 -29.78
N VAL A 281 -7.68 1.10 -29.06
CA VAL A 281 -7.38 0.34 -27.82
C VAL A 281 -6.57 -0.92 -28.13
N ASN A 282 -6.89 -1.59 -29.27
CA ASN A 282 -6.15 -2.80 -29.65
C ASN A 282 -4.68 -2.51 -29.86
N LYS A 283 -4.36 -1.36 -30.49
CA LYS A 283 -2.97 -0.96 -30.71
C LYS A 283 -2.22 -0.63 -29.39
N CYS A 284 -2.96 -0.15 -28.37
CA CYS A 284 -2.38 0.16 -27.05
C CYS A 284 -2.09 -1.12 -26.28
N LEU A 285 -2.91 -2.16 -26.49
CA LEU A 285 -2.88 -3.38 -25.69
C LEU A 285 -2.15 -4.55 -26.33
N ILE A 286 -1.43 -4.30 -27.42
CA ILE A 286 -0.57 -5.34 -28.01
C ILE A 286 0.46 -5.77 -26.95
N LYS A 287 0.55 -7.09 -26.68
CA LYS A 287 1.46 -7.62 -25.67
C LYS A 287 2.93 -7.26 -25.87
N ASN A 288 3.43 -7.35 -27.11
CA ASN A 288 4.83 -7.04 -27.42
C ASN A 288 5.01 -5.51 -27.46
N PRO A 289 5.80 -4.91 -26.53
CA PRO A 289 5.91 -3.43 -26.52
C PRO A 289 6.47 -2.82 -27.79
N ALA A 290 7.28 -3.58 -28.56
CA ALA A 290 7.87 -3.14 -29.83
C ALA A 290 6.81 -2.99 -30.94
N GLU A 291 5.75 -3.83 -30.89
CA GLU A 291 4.63 -3.85 -31.85
C GLU A 291 3.52 -2.89 -31.41
N ARG A 292 3.38 -2.71 -30.10
CA ARG A 292 2.42 -1.78 -29.50
C ARG A 292 2.69 -0.37 -30.05
N ALA A 293 1.62 0.41 -30.28
CA ALA A 293 1.76 1.78 -30.84
C ALA A 293 2.59 2.69 -29.94
N ASP A 294 3.27 3.71 -30.52
CA ASP A 294 3.99 4.68 -29.74
C ASP A 294 3.20 5.97 -29.74
N LEU A 295 3.59 6.98 -28.95
CA LEU A 295 2.81 8.23 -28.84
C LEU A 295 2.62 8.92 -30.17
N LYS A 296 3.68 8.93 -31.03
CA LYS A 296 3.60 9.57 -32.34
C LYS A 296 2.53 8.88 -33.19
N GLN A 297 2.46 7.53 -33.15
CA GLN A 297 1.47 6.79 -33.94
C GLN A 297 0.07 7.02 -33.44
N LEU A 298 -0.10 7.05 -32.13
CA LEU A 298 -1.42 7.29 -31.53
C LEU A 298 -1.98 8.67 -31.85
N MET A 299 -1.11 9.68 -31.89
CA MET A 299 -1.54 11.05 -32.18
C MET A 299 -2.18 11.21 -33.59
N VAL A 300 -1.77 10.35 -34.53
CA VAL A 300 -2.30 10.41 -35.90
C VAL A 300 -3.27 9.27 -36.19
N HIS A 301 -3.69 8.49 -35.16
CA HIS A 301 -4.59 7.38 -35.35
C HIS A 301 -5.96 7.95 -35.70
N ALA A 302 -6.73 7.22 -36.53
CA ALA A 302 -8.07 7.65 -36.96
C ALA A 302 -8.96 8.01 -35.74
N PHE A 303 -8.83 7.27 -34.63
CA PHE A 303 -9.65 7.58 -33.45
C PHE A 303 -9.39 8.99 -32.90
N ILE A 304 -8.10 9.39 -32.86
CA ILE A 304 -7.66 10.67 -32.38
C ILE A 304 -8.00 11.77 -33.38
N LYS A 305 -7.77 11.50 -34.68
CA LYS A 305 -8.11 12.49 -35.69
C LYS A 305 -9.62 12.78 -35.67
N ARG A 306 -10.43 11.71 -35.54
CA ARG A 306 -11.89 11.87 -35.48
C ARG A 306 -12.28 12.64 -34.21
N SER A 307 -11.75 12.21 -33.06
CA SER A 307 -12.09 12.82 -31.79
C SER A 307 -11.67 14.26 -31.71
N ASP A 308 -10.53 14.62 -32.31
CA ASP A 308 -10.06 16.00 -32.26
C ASP A 308 -11.01 16.95 -33.03
N ALA A 309 -11.65 16.44 -34.09
CA ALA A 309 -12.55 17.24 -34.94
C ALA A 309 -13.95 17.38 -34.33
N GLU A 310 -14.32 16.50 -33.41
CA GLU A 310 -15.65 16.49 -32.80
C GLU A 310 -15.85 17.62 -31.81
N GLU A 311 -17.06 18.19 -31.82
CA GLU A 311 -17.44 19.22 -30.86
C GLU A 311 -18.15 18.47 -29.75
N VAL A 312 -17.53 18.44 -28.60
CA VAL A 312 -18.05 17.73 -27.46
C VAL A 312 -18.00 18.76 -26.33
N ASP A 313 -19.11 18.90 -25.63
CA ASP A 313 -19.20 19.81 -24.49
C ASP A 313 -18.87 18.96 -23.27
N PHE A 314 -17.56 18.74 -23.05
CA PHE A 314 -17.05 17.93 -21.95
C PHE A 314 -17.51 18.54 -20.61
N ALA A 315 -17.36 19.86 -20.45
CA ALA A 315 -17.73 20.58 -19.21
C ALA A 315 -19.18 20.35 -18.87
N GLY A 316 -20.05 20.50 -19.88
CA GLY A 316 -21.48 20.28 -19.72
C GLY A 316 -21.80 18.86 -19.33
N TRP A 317 -21.12 17.88 -20.00
CA TRP A 317 -21.34 16.46 -19.73
C TRP A 317 -20.92 16.15 -18.29
N LEU A 318 -19.76 16.65 -17.87
CA LEU A 318 -19.19 16.39 -16.54
C LEU A 318 -20.10 16.96 -15.45
N CYS A 319 -20.50 18.22 -15.58
CA CYS A 319 -21.35 18.89 -14.60
C CYS A 319 -22.69 18.25 -14.46
N SER A 320 -23.26 17.78 -15.57
CA SER A 320 -24.53 17.05 -15.56
C SER A 320 -24.38 15.66 -14.92
N THR A 321 -23.30 14.92 -15.27
CA THR A 321 -23.10 13.55 -14.78
C THR A 321 -22.87 13.44 -13.28
N ILE A 322 -22.07 14.35 -12.69
CA ILE A 322 -21.72 14.26 -11.27
C ILE A 322 -22.41 15.34 -10.40
N GLY A 323 -23.27 16.15 -11.01
CA GLY A 323 -24.02 17.21 -10.32
C GLY A 323 -23.19 18.38 -9.82
N LEU A 324 -22.26 18.88 -10.67
CA LEU A 324 -21.41 20.04 -10.40
C LEU A 324 -22.11 21.27 -10.97
N ASN A 325 -21.94 22.46 -10.31
CA ASN A 325 -22.51 23.76 -10.73
C ASN A 325 -24.04 23.72 -10.91
N GLU B 20 -7.79 -21.06 32.56
CA GLU B 20 -7.99 -22.02 31.48
C GLU B 20 -6.65 -22.48 30.91
N LEU B 21 -5.78 -21.53 30.53
CA LEU B 21 -4.46 -21.78 29.94
C LEU B 21 -3.43 -22.34 30.91
N GLU B 22 -2.52 -23.18 30.40
CA GLU B 22 -1.43 -23.77 31.19
C GLU B 22 -0.20 -22.87 31.11
N LEU B 23 -0.10 -21.91 32.05
CA LEU B 23 1.02 -20.95 32.15
C LEU B 23 1.88 -21.30 33.36
N ASP B 24 3.18 -20.96 33.31
CA ASP B 24 4.03 -21.14 34.48
C ASP B 24 3.91 -19.89 35.37
N GLU B 25 4.50 -19.93 36.60
CA GLU B 25 4.48 -18.83 37.58
C GLU B 25 4.77 -17.46 36.98
N GLN B 26 5.89 -17.32 36.22
CA GLN B 26 6.33 -16.07 35.60
C GLN B 26 5.32 -15.55 34.60
N GLN B 27 4.77 -16.42 33.75
CA GLN B 27 3.76 -16.03 32.75
C GLN B 27 2.47 -15.53 33.39
N ARG B 28 2.03 -16.19 34.48
CA ARG B 28 0.81 -15.81 35.19
C ARG B 28 0.96 -14.40 35.81
N LYS B 29 2.12 -14.15 36.47
CA LYS B 29 2.46 -12.88 37.12
C LYS B 29 2.52 -11.75 36.09
N ARG B 30 3.13 -12.00 34.91
CA ARG B 30 3.23 -10.99 33.85
C ARG B 30 1.86 -10.63 33.27
N LEU B 31 0.98 -11.64 33.05
CA LEU B 31 -0.37 -11.44 32.53
C LEU B 31 -1.22 -10.64 33.53
N GLU B 32 -1.11 -10.99 34.82
CA GLU B 32 -1.81 -10.29 35.88
C GLU B 32 -1.35 -8.83 35.95
N ALA B 33 -0.03 -8.59 35.81
CA ALA B 33 0.54 -7.23 35.83
C ALA B 33 0.00 -6.39 34.68
N PHE B 34 -0.10 -6.96 33.45
CA PHE B 34 -0.66 -6.24 32.30
C PHE B 34 -2.14 -5.88 32.54
N LEU B 35 -2.95 -6.87 33.01
CA LEU B 35 -4.37 -6.68 33.33
C LEU B 35 -4.57 -5.59 34.40
N THR B 36 -3.65 -5.52 35.41
CA THR B 36 -3.73 -4.50 36.46
C THR B 36 -3.33 -3.12 35.90
N GLN B 37 -2.38 -3.09 34.95
CA GLN B 37 -1.90 -1.89 34.28
C GLN B 37 -3.03 -1.33 33.39
N LYS B 38 -3.74 -2.23 32.68
CA LYS B 38 -4.87 -1.91 31.81
C LYS B 38 -6.07 -1.34 32.59
N GLN B 39 -6.19 -1.69 33.89
CA GLN B 39 -7.26 -1.17 34.75
C GLN B 39 -7.17 0.34 34.97
N LYS B 40 -5.95 0.93 34.85
CA LYS B 40 -5.73 2.37 35.03
C LYS B 40 -6.05 3.19 33.76
N VAL B 41 -6.47 2.52 32.65
CA VAL B 41 -6.86 3.24 31.45
C VAL B 41 -8.39 3.27 31.33
N GLY B 42 -8.93 4.46 31.11
CA GLY B 42 -10.37 4.66 30.94
C GLY B 42 -10.72 4.66 29.48
N GLU B 43 -11.62 5.57 29.07
CA GLU B 43 -12.01 5.72 27.67
C GLU B 43 -10.81 6.27 26.91
N LEU B 44 -10.51 5.67 25.76
CA LEU B 44 -9.40 6.07 24.91
C LEU B 44 -9.84 7.16 23.96
N LYS B 45 -9.15 8.30 23.98
CA LYS B 45 -9.45 9.46 23.14
C LYS B 45 -8.15 9.97 22.53
N ASP B 46 -8.23 10.48 21.29
CA ASP B 46 -7.08 10.96 20.52
C ASP B 46 -6.26 12.02 21.27
N ASP B 47 -6.94 13.00 21.89
CA ASP B 47 -6.31 14.10 22.61
C ASP B 47 -5.44 13.64 23.79
N ASP B 48 -5.70 12.43 24.31
CA ASP B 48 -5.03 11.88 25.48
C ASP B 48 -3.66 11.27 25.22
N PHE B 49 -3.23 11.21 23.96
CA PHE B 49 -1.94 10.64 23.57
C PHE B 49 -0.92 11.70 23.19
N GLU B 50 0.35 11.44 23.49
CA GLU B 50 1.44 12.33 23.11
C GLU B 50 2.50 11.46 22.39
N LYS B 51 2.85 11.83 21.14
CA LYS B 51 3.83 11.10 20.33
C LYS B 51 5.26 11.20 20.90
N ILE B 52 5.94 10.06 21.10
CA ILE B 52 7.33 9.99 21.55
C ILE B 52 8.18 9.78 20.29
N SER B 53 7.87 8.74 19.49
CA SER B 53 8.62 8.48 18.26
C SER B 53 7.84 7.59 17.34
N GLU B 54 8.30 7.42 16.10
CA GLU B 54 7.65 6.49 15.19
C GLU B 54 8.37 5.16 15.23
N LEU B 55 7.62 4.07 15.50
CA LEU B 55 8.23 2.75 15.61
C LEU B 55 8.43 2.15 14.25
N GLY B 56 7.58 2.56 13.31
CA GLY B 56 7.67 2.14 11.92
C GLY B 56 6.34 2.21 11.24
N ALA B 57 6.32 1.76 9.99
CA ALA B 57 5.11 1.79 9.20
C ALA B 57 5.11 0.63 8.23
N GLY B 58 3.93 0.24 7.83
CA GLY B 58 3.71 -0.81 6.86
C GLY B 58 2.80 -0.25 5.78
N ASN B 59 2.19 -1.15 5.00
CA ASN B 59 1.27 -0.80 3.92
C ASN B 59 0.01 -0.13 4.48
N GLY B 60 -0.60 -0.76 5.47
CA GLY B 60 -1.83 -0.30 6.06
C GLY B 60 -1.80 0.83 7.07
N GLY B 61 -0.77 0.87 7.92
CA GLY B 61 -0.73 1.87 8.97
C GLY B 61 0.63 2.38 9.39
N VAL B 62 0.61 3.18 10.45
CA VAL B 62 1.82 3.76 11.04
C VAL B 62 1.77 3.43 12.52
N VAL B 63 2.91 3.02 13.11
CA VAL B 63 2.93 2.70 14.53
C VAL B 63 3.81 3.70 15.29
N PHE B 64 3.26 4.33 16.31
CA PHE B 64 3.98 5.31 17.10
C PHE B 64 4.15 4.81 18.49
N LYS B 65 5.28 5.16 19.10
CA LYS B 65 5.50 4.93 20.52
C LYS B 65 4.87 6.20 21.10
N VAL B 66 3.92 6.06 22.02
CA VAL B 66 3.18 7.20 22.55
C VAL B 66 3.11 7.14 24.06
N SER B 67 2.79 8.29 24.67
CA SER B 67 2.54 8.33 26.08
C SER B 67 1.03 8.54 26.21
N HIS B 68 0.36 7.67 26.98
CA HIS B 68 -1.04 7.87 27.32
C HIS B 68 -0.94 8.79 28.52
N LYS B 69 -1.14 10.09 28.28
CA LYS B 69 -0.99 11.10 29.33
C LYS B 69 -1.78 10.81 30.61
N PRO B 70 -3.10 10.42 30.55
CA PRO B 70 -3.84 10.20 31.80
C PRO B 70 -3.30 9.11 32.71
N SER B 71 -2.80 8.00 32.15
CA SER B 71 -2.25 6.88 32.91
C SER B 71 -0.72 6.93 33.12
N GLY B 72 0.00 7.66 32.27
CA GLY B 72 1.46 7.71 32.29
C GLY B 72 2.09 6.52 31.56
N LEU B 73 1.26 5.62 31.04
CA LEU B 73 1.70 4.41 30.33
C LEU B 73 2.28 4.72 28.95
N VAL B 74 3.38 4.02 28.60
CA VAL B 74 3.96 4.11 27.27
C VAL B 74 3.27 3.00 26.49
N MET B 75 2.71 3.31 25.31
CA MET B 75 2.04 2.29 24.51
C MET B 75 2.53 2.35 23.10
N ALA B 76 2.12 1.39 22.28
CA ALA B 76 2.37 1.43 20.84
C ALA B 76 0.99 1.67 20.25
N ARG B 77 0.85 2.73 19.45
CA ARG B 77 -0.42 3.12 18.86
C ARG B 77 -0.34 2.94 17.36
N LYS B 78 -1.13 2.00 16.81
CA LYS B 78 -1.15 1.83 15.37
C LYS B 78 -2.31 2.65 14.84
N LEU B 79 -2.03 3.51 13.88
CA LEU B 79 -3.06 4.35 13.25
C LEU B 79 -3.27 3.90 11.82
N ILE B 80 -4.53 3.60 11.45
CA ILE B 80 -4.87 3.12 10.11
C ILE B 80 -5.80 4.13 9.52
N HIS B 81 -5.38 4.79 8.42
CA HIS B 81 -6.22 5.82 7.84
C HIS B 81 -7.35 5.21 7.00
N LEU B 82 -8.59 5.54 7.39
CA LEU B 82 -9.80 5.12 6.70
C LEU B 82 -10.87 6.16 6.93
N GLU B 83 -11.22 6.93 5.90
CA GLU B 83 -12.27 7.93 6.03
C GLU B 83 -13.51 7.14 5.61
N ILE B 84 -14.27 6.67 6.61
CA ILE B 84 -15.42 5.80 6.41
C ILE B 84 -16.59 6.30 7.19
N LYS B 85 -17.79 5.99 6.68
CA LYS B 85 -19.05 6.38 7.34
C LYS B 85 -19.23 5.67 8.70
N PRO B 86 -19.97 6.28 9.65
CA PRO B 86 -20.15 5.67 10.97
C PRO B 86 -20.54 4.19 10.96
N ALA B 87 -21.48 3.76 10.07
CA ALA B 87 -21.92 2.34 10.06
C ALA B 87 -20.76 1.37 9.90
N ILE B 88 -19.82 1.68 9.00
CA ILE B 88 -18.75 0.73 8.81
C ILE B 88 -17.64 0.93 9.89
N ARG B 89 -17.33 2.19 10.34
CA ARG B 89 -16.31 2.37 11.39
C ARG B 89 -16.77 1.73 12.71
N ASN B 90 -18.07 1.84 13.04
CA ASN B 90 -18.62 1.21 14.24
C ASN B 90 -18.53 -0.28 14.16
N GLN B 91 -18.71 -0.86 12.96
CA GLN B 91 -18.57 -2.32 12.80
C GLN B 91 -17.12 -2.73 13.07
N ILE B 92 -16.15 -1.98 12.50
CA ILE B 92 -14.72 -2.27 12.72
C ILE B 92 -14.40 -2.21 14.20
N ILE B 93 -14.77 -1.11 14.87
CA ILE B 93 -14.51 -0.95 16.31
C ILE B 93 -15.13 -2.07 17.11
N ARG B 94 -16.40 -2.43 16.80
CA ARG B 94 -17.05 -3.55 17.50
C ARG B 94 -16.22 -4.83 17.35
N GLU B 95 -15.79 -5.16 16.13
CA GLU B 95 -15.02 -6.38 15.87
C GLU B 95 -13.66 -6.40 16.58
N LEU B 96 -13.03 -5.23 16.73
CA LEU B 96 -11.74 -5.11 17.42
C LEU B 96 -11.88 -5.27 18.95
N GLN B 97 -13.10 -5.10 19.50
CA GLN B 97 -13.29 -5.27 20.94
C GLN B 97 -13.00 -6.69 21.43
N VAL B 98 -12.99 -7.71 20.53
CA VAL B 98 -12.67 -9.09 20.92
C VAL B 98 -11.22 -9.20 21.39
N LEU B 99 -10.35 -8.25 20.99
CA LEU B 99 -8.95 -8.16 21.43
C LEU B 99 -8.89 -8.01 22.97
N HIS B 100 -9.99 -7.51 23.63
CA HIS B 100 -10.04 -7.39 25.09
C HIS B 100 -10.11 -8.78 25.75
N GLU B 101 -10.57 -9.79 24.98
CA GLU B 101 -10.69 -11.17 25.44
C GLU B 101 -9.45 -12.02 25.02
N CYS B 102 -8.54 -11.45 24.20
CA CYS B 102 -7.34 -12.17 23.72
C CYS B 102 -6.14 -12.04 24.67
N ASN B 103 -6.21 -12.73 25.84
CA ASN B 103 -5.14 -12.71 26.85
C ASN B 103 -4.31 -14.01 26.85
N SER B 104 -3.06 -13.89 26.38
CA SER B 104 -2.10 -14.99 26.24
C SER B 104 -0.68 -14.47 26.39
N PRO B 105 0.27 -15.30 26.90
CA PRO B 105 1.68 -14.86 26.93
C PRO B 105 2.25 -14.65 25.51
N TYR B 106 1.57 -15.20 24.49
CA TYR B 106 2.06 -15.18 23.10
C TYR B 106 1.33 -14.22 22.17
N ILE B 107 0.53 -13.33 22.73
CA ILE B 107 -0.24 -12.35 21.96
C ILE B 107 0.05 -10.99 22.59
N VAL B 108 0.34 -9.98 21.77
CA VAL B 108 0.65 -8.65 22.32
C VAL B 108 -0.52 -8.11 23.15
N GLY B 109 -0.19 -7.48 24.28
CA GLY B 109 -1.22 -6.91 25.14
C GLY B 109 -2.00 -5.83 24.40
N PHE B 110 -3.29 -5.78 24.63
CA PHE B 110 -4.20 -4.81 24.00
C PHE B 110 -4.79 -3.86 25.03
N TYR B 111 -4.76 -2.55 24.74
CA TYR B 111 -5.37 -1.56 25.64
C TYR B 111 -6.74 -1.10 25.16
N GLY B 112 -6.90 -1.00 23.86
CA GLY B 112 -8.17 -0.54 23.30
C GLY B 112 -8.07 -0.09 21.87
N ALA B 113 -9.22 0.12 21.23
CA ALA B 113 -9.31 0.57 19.85
C ALA B 113 -10.40 1.57 19.69
N PHE B 114 -10.13 2.63 18.91
CA PHE B 114 -11.12 3.68 18.71
C PHE B 114 -10.94 4.36 17.37
N TYR B 115 -11.96 5.12 16.94
CA TYR B 115 -11.89 5.88 15.70
C TYR B 115 -11.85 7.35 16.04
N SER B 116 -11.04 8.12 15.31
CA SER B 116 -11.01 9.57 15.45
C SER B 116 -10.55 10.24 14.16
N ASP B 117 -11.34 11.19 13.65
CA ASP B 117 -11.02 12.00 12.45
C ASP B 117 -10.28 11.22 11.34
N GLY B 118 -10.94 10.22 10.78
CA GLY B 118 -10.40 9.46 9.68
C GLY B 118 -9.33 8.43 10.02
N GLU B 119 -9.14 8.13 11.31
CA GLU B 119 -8.14 7.15 11.70
C GLU B 119 -8.68 6.12 12.67
N ILE B 120 -8.40 4.86 12.42
CA ILE B 120 -8.67 3.78 13.37
C ILE B 120 -7.37 3.65 14.19
N SER B 121 -7.46 3.69 15.53
CA SER B 121 -6.29 3.52 16.39
C SER B 121 -6.41 2.20 17.14
N ILE B 122 -5.34 1.43 17.15
CA ILE B 122 -5.27 0.17 17.90
C ILE B 122 -4.13 0.38 18.87
N CYS B 123 -4.46 0.35 20.15
CA CYS B 123 -3.51 0.65 21.21
C CYS B 123 -3.04 -0.62 21.91
N MET B 124 -1.73 -0.82 21.89
CA MET B 124 -1.08 -2.05 22.36
C MET B 124 -0.02 -1.83 23.36
N GLU B 125 0.39 -2.94 23.97
CA GLU B 125 1.54 -3.00 24.83
C GLU B 125 2.74 -2.63 23.95
N HIS B 126 3.60 -1.75 24.44
CA HIS B 126 4.85 -1.43 23.72
C HIS B 126 5.86 -2.53 24.01
N MET B 127 6.36 -3.17 22.96
CA MET B 127 7.36 -4.25 23.05
C MET B 127 8.71 -3.61 22.76
N ASP B 128 9.54 -3.49 23.82
CA ASP B 128 10.79 -2.73 23.75
C ASP B 128 11.87 -3.33 22.85
N GLY B 129 11.69 -4.58 22.42
CA GLY B 129 12.61 -5.24 21.51
C GLY B 129 12.21 -5.05 20.07
N GLY B 130 11.03 -4.48 19.82
CA GLY B 130 10.52 -4.29 18.47
C GLY B 130 10.18 -5.63 17.82
N SER B 131 10.20 -5.70 16.49
CA SER B 131 9.88 -6.97 15.83
C SER B 131 11.12 -7.73 15.42
N LEU B 132 10.93 -9.02 15.07
CA LEU B 132 12.06 -9.83 14.63
C LEU B 132 12.63 -9.35 13.30
N ASP B 133 11.84 -8.63 12.47
CA ASP B 133 12.39 -8.06 11.23
C ASP B 133 13.47 -7.03 11.63
N GLN B 134 13.19 -6.23 12.67
CA GLN B 134 14.15 -5.23 13.19
C GLN B 134 15.35 -5.89 13.87
N VAL B 135 15.10 -6.96 14.65
CA VAL B 135 16.18 -7.67 15.34
C VAL B 135 17.13 -8.35 14.34
N LEU B 136 16.55 -8.90 13.28
CA LEU B 136 17.30 -9.60 12.23
C LEU B 136 18.31 -8.70 11.56
N LYS B 137 17.98 -7.41 11.35
CA LYS B 137 18.91 -6.41 10.76
C LYS B 137 20.22 -6.31 11.60
N LYS B 138 20.10 -6.30 12.95
CA LYS B 138 21.23 -6.20 13.88
C LYS B 138 21.92 -7.52 14.12
N ALA B 139 21.13 -8.61 14.20
CA ALA B 139 21.70 -9.94 14.42
C ALA B 139 22.40 -10.54 13.18
N GLY B 140 21.92 -10.16 11.98
CA GLY B 140 22.35 -10.75 10.72
C GLY B 140 21.51 -11.99 10.47
N ARG B 141 21.68 -13.01 11.33
CA ARG B 141 20.82 -14.20 11.34
C ARG B 141 20.36 -14.43 12.78
N ILE B 142 19.19 -15.01 12.94
CA ILE B 142 18.75 -15.40 14.29
C ILE B 142 19.13 -16.87 14.50
N PRO B 143 19.83 -17.20 15.62
CA PRO B 143 20.27 -18.57 15.87
C PRO B 143 19.11 -19.56 15.92
N GLU B 144 19.38 -20.76 15.45
CA GLU B 144 18.38 -21.83 15.43
C GLU B 144 17.74 -22.07 16.84
N GLN B 145 18.56 -22.08 17.93
CA GLN B 145 17.98 -22.32 19.26
C GLN B 145 16.98 -21.21 19.62
N ILE B 146 17.29 -19.97 19.20
CA ILE B 146 16.36 -18.87 19.44
C ILE B 146 15.13 -19.07 18.59
N LEU B 147 15.31 -19.52 17.33
CA LEU B 147 14.18 -19.78 16.47
C LEU B 147 13.29 -20.91 16.99
N GLY B 148 13.85 -21.81 17.78
CA GLY B 148 13.04 -22.86 18.40
C GLY B 148 12.05 -22.23 19.36
N LYS B 149 12.52 -21.26 20.17
CA LYS B 149 11.61 -20.54 21.09
C LYS B 149 10.59 -19.70 20.36
N VAL B 150 11.00 -19.04 19.27
CA VAL B 150 10.09 -18.26 18.43
C VAL B 150 9.00 -19.20 17.84
N SER B 151 9.41 -20.39 17.34
CA SER B 151 8.46 -21.34 16.76
C SER B 151 7.41 -21.76 17.75
N ILE B 152 7.83 -22.08 18.97
CA ILE B 152 6.90 -22.47 20.05
C ILE B 152 5.89 -21.33 20.30
N ALA B 153 6.39 -20.08 20.42
CA ALA B 153 5.50 -18.93 20.65
C ALA B 153 4.49 -18.75 19.52
N VAL B 154 4.95 -18.82 18.26
CA VAL B 154 4.05 -18.64 17.12
C VAL B 154 3.01 -19.76 17.11
N ILE B 155 3.42 -21.03 17.27
CA ILE B 155 2.45 -22.13 17.29
C ILE B 155 1.45 -21.97 18.42
N LYS B 156 1.92 -21.68 19.64
CA LYS B 156 1.01 -21.51 20.78
C LYS B 156 0.07 -20.31 20.59
N GLY B 157 0.59 -19.22 20.05
CA GLY B 157 -0.22 -18.03 19.78
C GLY B 157 -1.28 -18.31 18.74
N LEU B 158 -0.90 -18.99 17.65
CA LEU B 158 -1.87 -19.35 16.61
C LEU B 158 -2.90 -20.31 17.14
N THR B 159 -2.46 -21.28 17.95
CA THR B 159 -3.37 -22.25 18.57
C THR B 159 -4.36 -21.52 19.48
N TYR B 160 -3.85 -20.58 20.30
CA TYR B 160 -4.69 -19.83 21.22
C TYR B 160 -5.77 -19.08 20.44
N LEU B 161 -5.36 -18.28 19.43
CA LEU B 161 -6.31 -17.49 18.62
C LEU B 161 -7.40 -18.36 17.99
N ARG B 162 -6.98 -19.52 17.41
CA ARG B 162 -7.90 -20.44 16.75
C ARG B 162 -8.84 -21.14 17.73
N GLU B 163 -8.28 -21.76 18.78
CA GLU B 163 -9.07 -22.54 19.76
C GLU B 163 -10.01 -21.72 20.61
N LYS B 164 -9.54 -20.56 21.11
CA LYS B 164 -10.32 -19.74 22.02
C LYS B 164 -11.21 -18.72 21.36
N HIS B 165 -10.84 -18.26 20.15
CA HIS B 165 -11.59 -17.18 19.50
C HIS B 165 -11.98 -17.40 18.04
N LYS B 166 -11.59 -18.56 17.44
CA LYS B 166 -11.83 -18.87 16.02
C LYS B 166 -11.26 -17.77 15.10
N ILE B 167 -10.08 -17.23 15.49
CA ILE B 167 -9.37 -16.17 14.77
C ILE B 167 -8.19 -16.82 14.03
N MET B 168 -8.01 -16.47 12.77
CA MET B 168 -6.83 -16.84 12.02
C MET B 168 -5.97 -15.61 11.98
N HIS B 169 -4.67 -15.81 11.96
CA HIS B 169 -3.81 -14.65 12.01
C HIS B 169 -3.86 -13.87 10.71
N ARG B 170 -3.56 -14.55 9.57
CA ARG B 170 -3.61 -13.99 8.20
C ARG B 170 -2.45 -13.09 7.80
N ASP B 171 -1.52 -12.79 8.72
CA ASP B 171 -0.42 -11.89 8.40
C ASP B 171 0.84 -12.25 9.19
N VAL B 172 1.18 -13.55 9.23
CA VAL B 172 2.39 -13.97 9.94
C VAL B 172 3.60 -13.60 9.08
N LYS B 173 4.55 -12.90 9.69
CA LYS B 173 5.82 -12.48 9.10
C LYS B 173 6.70 -11.92 10.21
N PRO B 174 8.01 -11.77 9.97
CA PRO B 174 8.90 -11.31 11.03
C PRO B 174 8.50 -9.99 11.67
N SER B 175 7.91 -9.06 10.89
CA SER B 175 7.52 -7.76 11.49
C SER B 175 6.33 -7.86 12.44
N ASN B 176 5.62 -9.02 12.43
CA ASN B 176 4.45 -9.25 13.27
C ASN B 176 4.75 -10.21 14.42
N ILE B 177 6.05 -10.44 14.69
CA ILE B 177 6.47 -11.22 15.86
C ILE B 177 7.27 -10.24 16.69
N LEU B 178 6.74 -9.86 17.84
CA LEU B 178 7.36 -8.86 18.69
C LEU B 178 8.09 -9.46 19.85
N VAL B 179 9.16 -8.78 20.31
CA VAL B 179 9.95 -9.31 21.43
C VAL B 179 10.26 -8.23 22.43
N ASN B 180 10.62 -8.63 23.65
CA ASN B 180 10.97 -7.61 24.63
C ASN B 180 12.14 -8.06 25.52
N SER B 181 12.64 -7.13 26.32
CA SER B 181 13.78 -7.29 27.22
C SER B 181 13.54 -8.34 28.32
N ARG B 182 12.27 -8.73 28.52
CA ARG B 182 11.90 -9.79 29.49
C ARG B 182 12.00 -11.16 28.82
N GLY B 183 12.25 -11.18 27.51
CA GLY B 183 12.40 -12.41 26.77
C GLY B 183 11.09 -12.93 26.22
N GLU B 184 10.03 -12.11 26.25
CA GLU B 184 8.72 -12.54 25.74
C GLU B 184 8.68 -12.43 24.22
N ILE B 185 7.89 -13.30 23.59
CA ILE B 185 7.75 -13.36 22.14
C ILE B 185 6.25 -13.39 21.87
N LYS B 186 5.74 -12.41 21.14
CA LYS B 186 4.30 -12.28 20.97
C LYS B 186 3.91 -11.90 19.58
N LEU B 187 2.76 -12.40 19.14
CA LEU B 187 2.23 -12.06 17.82
C LEU B 187 1.41 -10.77 17.89
N CYS B 188 1.41 -10.01 16.78
CA CYS B 188 0.54 -8.82 16.66
C CYS B 188 -0.08 -8.85 15.28
N ASP B 189 -0.95 -7.91 14.96
CA ASP B 189 -1.52 -7.71 13.63
C ASP B 189 -2.30 -8.91 13.08
N PHE B 190 -3.01 -9.64 13.97
CA PHE B 190 -3.84 -10.76 13.51
C PHE B 190 -5.20 -10.23 13.07
N GLY B 191 -5.86 -10.96 12.18
CA GLY B 191 -7.08 -10.54 11.50
C GLY B 191 -8.33 -10.73 12.31
N VAL B 192 -8.48 -9.90 13.33
CA VAL B 192 -9.62 -9.98 14.25
C VAL B 192 -10.86 -9.38 13.59
N SER B 193 -10.67 -8.30 12.82
CA SER B 193 -11.80 -7.62 12.22
C SER B 193 -11.96 -7.88 10.74
N GLY B 194 -13.00 -8.65 10.39
CA GLY B 194 -13.32 -8.92 9.00
C GLY B 194 -13.62 -7.65 8.22
N GLN B 195 -14.35 -6.70 8.87
CA GLN B 195 -14.65 -5.43 8.23
C GLN B 195 -13.39 -4.60 8.00
N LEU B 196 -12.44 -4.61 8.95
CA LEU B 196 -11.20 -3.83 8.76
C LEU B 196 -10.44 -4.36 7.53
N ILE B 197 -10.37 -5.70 7.39
CA ILE B 197 -9.76 -6.42 6.26
C ILE B 197 -10.44 -5.96 4.95
N ASP B 198 -11.80 -5.96 4.92
CA ASP B 198 -12.60 -5.55 3.76
C ASP B 198 -12.44 -4.09 3.42
N SER B 199 -12.28 -3.23 4.43
CA SER B 199 -12.14 -1.78 4.24
C SER B 199 -10.77 -1.32 3.76
N MET B 200 -9.68 -1.96 4.22
CA MET B 200 -8.36 -1.50 3.79
C MET B 200 -7.83 -2.29 2.56
N ALA B 201 -6.83 -1.71 1.86
CA ALA B 201 -6.24 -2.29 0.65
C ALA B 201 -4.72 -2.17 0.65
N THR B 207 7.38 -6.16 -3.21
CA THR B 207 8.80 -6.51 -3.05
C THR B 207 8.93 -7.95 -2.52
N ARG B 208 8.20 -8.27 -1.44
CA ARG B 208 8.20 -9.59 -0.84
C ARG B 208 6.78 -9.96 -0.40
N SER B 209 6.52 -11.25 -0.28
CA SER B 209 5.21 -11.75 0.12
C SER B 209 5.36 -12.99 1.00
N TYR B 210 4.51 -13.08 2.02
CA TYR B 210 4.50 -14.26 2.89
C TYR B 210 3.23 -15.05 2.67
N MET B 211 2.46 -14.70 1.61
CA MET B 211 1.20 -15.41 1.31
C MET B 211 1.47 -16.78 0.78
N SER B 212 0.69 -17.77 1.25
CA SER B 212 0.82 -19.14 0.78
C SER B 212 0.42 -19.23 -0.72
N PRO B 213 0.96 -20.23 -1.44
CA PRO B 213 0.59 -20.40 -2.85
C PRO B 213 -0.93 -20.51 -3.04
N GLU B 214 -1.64 -21.25 -2.14
CA GLU B 214 -3.10 -21.37 -2.29
C GLU B 214 -3.83 -20.04 -2.05
N ARG B 215 -3.34 -19.19 -1.09
CA ARG B 215 -3.92 -17.87 -0.82
C ARG B 215 -3.72 -16.96 -2.04
N LEU B 216 -2.52 -17.04 -2.68
CA LEU B 216 -2.27 -16.22 -3.88
C LEU B 216 -3.20 -16.61 -5.03
N GLN B 217 -3.66 -17.87 -5.04
CA GLN B 217 -4.58 -18.40 -6.06
C GLN B 217 -6.07 -18.18 -5.67
N GLY B 218 -6.30 -17.48 -4.56
CA GLY B 218 -7.64 -17.08 -4.11
C GLY B 218 -8.39 -17.95 -3.12
N THR B 219 -7.74 -18.98 -2.57
CA THR B 219 -8.37 -19.84 -1.59
C THR B 219 -8.68 -19.07 -0.30
N HIS B 220 -9.82 -19.36 0.33
CA HIS B 220 -10.24 -18.81 1.62
C HIS B 220 -9.11 -19.07 2.62
N TYR B 221 -8.94 -18.14 3.54
CA TYR B 221 -7.89 -18.25 4.53
C TYR B 221 -8.04 -19.45 5.43
N SER B 222 -6.91 -20.07 5.79
CA SER B 222 -6.93 -21.24 6.66
C SER B 222 -5.73 -21.22 7.58
N VAL B 223 -5.78 -21.98 8.68
CA VAL B 223 -4.61 -22.07 9.58
C VAL B 223 -3.40 -22.58 8.76
N GLN B 224 -3.64 -23.43 7.73
CA GLN B 224 -2.53 -23.93 6.89
C GLN B 224 -1.78 -22.80 6.21
N SER B 225 -2.48 -21.74 5.80
CA SER B 225 -1.78 -20.60 5.18
C SER B 225 -0.88 -19.91 6.22
N ASP B 226 -1.32 -19.82 7.50
CA ASP B 226 -0.50 -19.19 8.56
C ASP B 226 0.76 -20.04 8.78
N ILE B 227 0.63 -21.36 8.67
CA ILE B 227 1.75 -22.28 8.87
C ILE B 227 2.79 -22.11 7.76
N TRP B 228 2.32 -21.95 6.50
CA TRP B 228 3.23 -21.62 5.40
C TRP B 228 3.99 -20.32 5.72
N SER B 229 3.25 -19.26 6.10
CA SER B 229 3.91 -17.97 6.41
C SER B 229 4.94 -18.12 7.52
N MET B 230 4.60 -18.91 8.55
CA MET B 230 5.53 -19.17 9.66
C MET B 230 6.81 -19.86 9.16
N GLY B 231 6.63 -20.88 8.32
CA GLY B 231 7.76 -21.61 7.74
C GLY B 231 8.68 -20.70 6.97
N LEU B 232 8.09 -19.87 6.11
CA LEU B 232 8.88 -18.95 5.30
C LEU B 232 9.60 -17.94 6.21
N SER B 233 8.89 -17.41 7.22
CA SER B 233 9.47 -16.44 8.18
C SER B 233 10.67 -17.09 8.89
N LEU B 234 10.53 -18.36 9.28
CA LEU B 234 11.67 -19.05 9.97
C LEU B 234 12.86 -19.22 9.07
N VAL B 235 12.66 -19.56 7.79
CA VAL B 235 13.82 -19.68 6.87
C VAL B 235 14.47 -18.31 6.71
N GLU B 236 13.67 -17.26 6.50
CA GLU B 236 14.21 -15.90 6.35
C GLU B 236 15.03 -15.52 7.59
N MET B 237 14.51 -15.78 8.78
CA MET B 237 15.27 -15.40 9.99
C MET B 237 16.51 -16.25 10.22
N ALA B 238 16.47 -17.52 9.80
CA ALA B 238 17.62 -18.42 9.93
C ALA B 238 18.79 -18.02 9.01
N VAL B 239 18.46 -17.59 7.78
CA VAL B 239 19.51 -17.26 6.80
C VAL B 239 19.73 -15.75 6.66
N GLY B 240 18.85 -14.95 7.27
CA GLY B 240 18.99 -13.50 7.29
C GLY B 240 18.57 -12.78 6.04
N ARG B 241 17.87 -13.49 5.15
CA ARG B 241 17.42 -12.90 3.91
C ARG B 241 16.15 -13.55 3.45
N TYR B 242 15.28 -12.75 2.83
CA TYR B 242 14.03 -13.28 2.29
C TYR B 242 14.42 -14.33 1.23
N PRO B 243 13.94 -15.59 1.37
CA PRO B 243 14.56 -16.67 0.61
C PRO B 243 13.95 -17.04 -0.74
N ILE B 244 12.95 -16.29 -1.19
CA ILE B 244 12.19 -16.58 -2.42
C ILE B 244 12.85 -15.95 -3.59
N GLY B 245 12.79 -16.68 -4.70
CA GLY B 245 13.19 -16.19 -6.01
C GLY B 245 14.66 -16.01 -6.12
N SER B 246 15.08 -14.75 -6.32
CA SER B 246 16.50 -14.39 -6.43
C SER B 246 17.23 -14.81 -5.14
N GLY B 247 16.49 -14.89 -4.06
CA GLY B 247 17.02 -15.24 -2.74
C GLY B 247 17.41 -14.02 -1.95
N SER B 250 13.90 -6.73 -5.19
CA SER B 250 14.74 -7.04 -6.35
C SER B 250 13.90 -7.66 -7.49
N MET B 251 12.71 -8.16 -7.16
CA MET B 251 11.83 -8.83 -8.13
C MET B 251 10.61 -8.02 -8.46
N ALA B 252 10.12 -8.14 -9.72
CA ALA B 252 8.88 -7.56 -10.18
C ALA B 252 7.73 -8.38 -9.54
N ILE B 253 6.52 -7.81 -9.46
CA ILE B 253 5.38 -8.45 -8.76
C ILE B 253 5.04 -9.84 -9.29
N PHE B 254 4.79 -9.97 -10.61
CA PHE B 254 4.43 -11.28 -11.15
C PHE B 254 5.62 -12.24 -11.01
N GLU B 255 6.85 -11.75 -11.21
CA GLU B 255 8.04 -12.57 -11.10
C GLU B 255 8.10 -13.23 -9.70
N LEU B 256 7.89 -12.43 -8.64
CA LEU B 256 7.86 -12.94 -7.27
C LEU B 256 6.72 -13.95 -7.07
N LEU B 257 5.49 -13.58 -7.43
CA LEU B 257 4.36 -14.48 -7.16
C LEU B 257 4.43 -15.76 -7.95
N ASP B 258 4.99 -15.69 -9.16
CA ASP B 258 5.21 -16.87 -10.01
C ASP B 258 6.21 -17.81 -9.33
N TYR B 259 7.26 -17.27 -8.68
CA TYR B 259 8.21 -18.14 -7.96
C TYR B 259 7.51 -18.86 -6.82
N ILE B 260 6.65 -18.17 -6.09
CA ILE B 260 5.95 -18.81 -4.97
C ILE B 260 4.97 -19.88 -5.43
N VAL B 261 4.16 -19.54 -6.41
CA VAL B 261 3.14 -20.47 -6.87
C VAL B 261 3.71 -21.65 -7.70
N ASN B 262 4.67 -21.38 -8.57
CA ASN B 262 5.11 -22.38 -9.55
C ASN B 262 6.47 -23.00 -9.36
N GLU B 263 7.19 -22.61 -8.31
CA GLU B 263 8.50 -23.18 -8.08
C GLU B 263 8.55 -23.84 -6.69
N PRO B 264 9.53 -24.73 -6.43
CA PRO B 264 9.60 -25.38 -5.11
C PRO B 264 9.80 -24.37 -3.98
N PRO B 265 9.31 -24.71 -2.77
CA PRO B 265 9.49 -23.81 -1.64
C PRO B 265 10.97 -23.71 -1.26
N PRO B 266 11.34 -22.66 -0.52
CA PRO B 266 12.74 -22.55 -0.10
C PRO B 266 13.07 -23.60 0.97
N LYS B 267 14.34 -23.91 1.11
CA LYS B 267 14.81 -24.90 2.07
C LYS B 267 15.97 -24.26 2.78
N LEU B 268 16.26 -24.74 3.98
CA LEU B 268 17.46 -24.28 4.68
C LEU B 268 18.69 -24.93 4.03
N PRO B 269 19.84 -24.22 4.02
CA PRO B 269 21.10 -24.84 3.55
C PRO B 269 21.50 -26.01 4.47
N SER B 270 22.05 -27.11 3.91
CA SER B 270 22.28 -28.36 4.64
C SER B 270 23.42 -28.45 5.70
N GLY B 271 24.35 -27.50 5.75
CA GLY B 271 25.52 -27.61 6.63
C GLY B 271 25.57 -27.10 8.06
N VAL B 272 24.72 -26.13 8.44
CA VAL B 272 24.79 -25.50 9.75
C VAL B 272 23.47 -25.65 10.56
N PHE B 273 22.44 -26.20 9.92
CA PHE B 273 21.15 -26.39 10.60
C PHE B 273 20.85 -27.85 10.89
N SER B 274 20.25 -28.11 12.07
CA SER B 274 19.91 -29.47 12.44
C SER B 274 18.93 -30.12 11.45
N LEU B 275 19.00 -31.46 11.39
CA LEU B 275 18.04 -32.21 10.57
C LEU B 275 16.61 -31.95 11.04
N GLU B 276 16.41 -31.84 12.38
CA GLU B 276 15.08 -31.59 12.97
C GLU B 276 14.51 -30.25 12.51
N PHE B 277 15.33 -29.20 12.53
CA PHE B 277 14.87 -27.88 12.07
C PHE B 277 14.59 -27.90 10.57
N GLN B 278 15.45 -28.56 9.76
CA GLN B 278 15.20 -28.66 8.30
C GLN B 278 13.88 -29.36 8.06
N ASP B 279 13.63 -30.48 8.78
CA ASP B 279 12.35 -31.19 8.61
C ASP B 279 11.15 -30.35 9.02
N PHE B 280 11.27 -29.60 10.11
CA PHE B 280 10.20 -28.74 10.61
C PHE B 280 9.82 -27.69 9.56
N VAL B 281 10.82 -26.91 9.07
CA VAL B 281 10.45 -25.89 8.07
C VAL B 281 9.92 -26.55 6.77
N ASN B 282 10.49 -27.74 6.38
CA ASN B 282 10.00 -28.44 5.18
C ASN B 282 8.55 -28.83 5.34
N LYS B 283 8.14 -29.28 6.54
CA LYS B 283 6.74 -29.66 6.76
C LYS B 283 5.81 -28.44 6.71
N CYS B 284 6.30 -27.26 7.11
CA CYS B 284 5.49 -26.02 7.05
C CYS B 284 5.31 -25.55 5.61
N LEU B 285 6.31 -25.81 4.75
CA LEU B 285 6.40 -25.25 3.40
C LEU B 285 5.94 -26.18 2.31
N ILE B 286 5.30 -27.29 2.66
CA ILE B 286 4.75 -28.18 1.61
C ILE B 286 3.72 -27.34 0.79
N LYS B 287 3.84 -27.36 -0.55
CA LYS B 287 2.97 -26.51 -1.39
C LYS B 287 1.47 -26.88 -1.27
N ASN B 288 1.18 -28.18 -1.22
CA ASN B 288 -0.18 -28.72 -1.12
C ASN B 288 -0.65 -28.56 0.34
N PRO B 289 -1.63 -27.67 0.63
CA PRO B 289 -2.00 -27.43 2.04
C PRO B 289 -2.57 -28.66 2.73
N ALA B 290 -3.08 -29.62 1.96
CA ALA B 290 -3.62 -30.85 2.55
C ALA B 290 -2.49 -31.76 3.08
N GLU B 291 -1.24 -31.64 2.55
CA GLU B 291 -0.09 -32.45 2.98
C GLU B 291 0.77 -31.69 4.00
N ARG B 292 0.68 -30.37 3.97
CA ARG B 292 1.40 -29.48 4.89
C ARG B 292 1.00 -29.83 6.32
N ALA B 293 1.94 -29.78 7.24
CA ALA B 293 1.65 -30.04 8.64
C ALA B 293 0.56 -29.10 9.20
N ASP B 294 -0.19 -29.58 10.19
CA ASP B 294 -1.16 -28.75 10.92
C ASP B 294 -0.57 -28.40 12.29
N LEU B 295 -1.25 -27.52 13.08
CA LEU B 295 -0.71 -27.07 14.37
C LEU B 295 -0.48 -28.20 15.36
N LYS B 296 -1.42 -29.15 15.44
CA LYS B 296 -1.31 -30.31 16.34
C LYS B 296 -0.04 -31.10 16.01
N GLN B 297 0.20 -31.33 14.71
CA GLN B 297 1.38 -32.06 14.25
C GLN B 297 2.67 -31.27 14.57
N LEU B 298 2.65 -29.96 14.32
CA LEU B 298 3.84 -29.16 14.60
C LEU B 298 4.19 -29.12 16.09
N MET B 299 3.18 -29.08 16.96
CA MET B 299 3.40 -29.03 18.42
C MET B 299 4.16 -30.26 18.94
N VAL B 300 4.08 -31.41 18.24
CA VAL B 300 4.76 -32.61 18.67
C VAL B 300 5.93 -32.98 17.74
N HIS B 301 6.31 -32.06 16.84
CA HIS B 301 7.45 -32.29 15.97
C HIS B 301 8.74 -32.35 16.80
N ALA B 302 9.71 -33.18 16.37
CA ALA B 302 11.03 -33.32 17.06
C ALA B 302 11.68 -31.94 17.29
N PHE B 303 11.59 -31.01 16.32
CA PHE B 303 12.20 -29.69 16.53
C PHE B 303 11.57 -28.94 17.70
N ILE B 304 10.25 -29.05 17.86
CA ILE B 304 9.51 -28.36 18.94
C ILE B 304 9.78 -29.06 20.28
N LYS B 305 9.76 -30.39 20.29
CA LYS B 305 10.04 -31.14 21.52
C LYS B 305 11.45 -30.82 22.01
N ARG B 306 12.42 -30.74 21.06
CA ARG B 306 13.81 -30.45 21.45
C ARG B 306 13.91 -29.02 22.00
N SER B 307 13.31 -28.07 21.28
CA SER B 307 13.36 -26.66 21.65
C SER B 307 12.68 -26.39 22.98
N ASP B 308 11.54 -27.04 23.25
CA ASP B 308 10.83 -26.84 24.51
C ASP B 308 11.64 -27.33 25.72
N ALA B 309 12.50 -28.31 25.52
CA ALA B 309 13.33 -28.88 26.59
C ALA B 309 14.63 -28.07 26.87
N GLU B 310 15.07 -27.21 25.93
CA GLU B 310 16.31 -26.41 26.03
C GLU B 310 16.10 -25.13 26.86
N GLU B 311 17.06 -24.77 27.72
CA GLU B 311 17.08 -23.53 28.47
C GLU B 311 17.93 -22.62 27.60
N VAL B 312 17.27 -21.60 27.08
CA VAL B 312 17.86 -20.64 26.20
C VAL B 312 17.62 -19.32 26.92
N ASP B 313 18.67 -18.57 27.10
CA ASP B 313 18.54 -17.26 27.73
C ASP B 313 18.14 -16.27 26.60
N PHE B 314 16.88 -16.32 26.14
CA PHE B 314 16.47 -15.43 25.06
C PHE B 314 16.59 -13.94 25.42
N ALA B 315 16.20 -13.55 26.67
CA ALA B 315 16.29 -12.15 27.09
C ALA B 315 17.75 -11.66 27.02
N GLY B 316 18.68 -12.48 27.52
CA GLY B 316 20.11 -12.14 27.50
C GLY B 316 20.62 -12.01 26.09
N TRP B 317 20.23 -12.96 25.21
CA TRP B 317 20.61 -12.93 23.79
C TRP B 317 20.10 -11.63 23.13
N LEU B 318 18.81 -11.32 23.34
CA LEU B 318 18.14 -10.15 22.75
C LEU B 318 18.78 -8.87 23.25
N CYS B 319 18.97 -8.74 24.57
CA CYS B 319 19.58 -7.54 25.13
C CYS B 319 21.01 -7.34 24.63
N SER B 320 21.78 -8.43 24.44
CA SER B 320 23.13 -8.37 23.92
C SER B 320 23.16 -7.98 22.42
N THR B 321 22.21 -8.49 21.64
CA THR B 321 22.17 -8.24 20.20
C THR B 321 21.69 -6.85 19.81
N ILE B 322 20.67 -6.33 20.52
CA ILE B 322 20.11 -5.03 20.13
C ILE B 322 20.49 -3.89 21.11
N GLY B 323 21.20 -4.20 22.18
CA GLY B 323 21.65 -3.21 23.15
C GLY B 323 20.59 -2.69 24.11
N LEU B 324 19.73 -3.59 24.65
CA LEU B 324 18.70 -3.26 25.65
C LEU B 324 19.24 -3.55 27.05
N ASN B 325 18.53 -3.05 28.11
CA ASN B 325 18.86 -3.24 29.53
C ASN B 325 20.33 -2.92 29.85
#